data_1IMR
# 
_entry.id   1IMR 
# 
_audit_conform.dict_name       mmcif_pdbx.dic 
_audit_conform.dict_version    5.386 
_audit_conform.dict_location   http://mmcif.pdb.org/dictionaries/ascii/mmcif_pdbx.dic 
# 
loop_
_database_2.database_id 
_database_2.database_code 
_database_2.pdbx_database_accession 
_database_2.pdbx_DOI 
PDB   1IMR         pdb_00001imr 10.2210/pdb1imr/pdb 
RCSB  DDF061       ?            ?                   
WWPDB D_1000174200 ?            ?                   
# 
loop_
_pdbx_audit_revision_history.ordinal 
_pdbx_audit_revision_history.data_content_type 
_pdbx_audit_revision_history.major_revision 
_pdbx_audit_revision_history.minor_revision 
_pdbx_audit_revision_history.revision_date 
1 'Structure model' 1 0 1996-04-04 
2 'Structure model' 1 1 2008-05-22 
3 'Structure model' 1 2 2011-07-13 
4 'Structure model' 1 3 2024-02-07 
# 
_pdbx_audit_revision_details.ordinal             1 
_pdbx_audit_revision_details.revision_ordinal    1 
_pdbx_audit_revision_details.data_content_type   'Structure model' 
_pdbx_audit_revision_details.provider            repository 
_pdbx_audit_revision_details.type                'Initial release' 
_pdbx_audit_revision_details.description         ? 
_pdbx_audit_revision_details.details             ? 
# 
loop_
_pdbx_audit_revision_group.ordinal 
_pdbx_audit_revision_group.revision_ordinal 
_pdbx_audit_revision_group.data_content_type 
_pdbx_audit_revision_group.group 
1 2 'Structure model' 'Version format compliance' 
2 3 'Structure model' 'Version format compliance' 
3 4 'Structure model' 'Data collection'           
4 4 'Structure model' 'Database references'       
5 4 'Structure model' 'Derived calculations'      
# 
loop_
_pdbx_audit_revision_category.ordinal 
_pdbx_audit_revision_category.revision_ordinal 
_pdbx_audit_revision_category.data_content_type 
_pdbx_audit_revision_category.category 
1 4 'Structure model' chem_comp_atom 
2 4 'Structure model' chem_comp_bond 
3 4 'Structure model' database_2     
4 4 'Structure model' struct_site    
# 
loop_
_pdbx_audit_revision_item.ordinal 
_pdbx_audit_revision_item.revision_ordinal 
_pdbx_audit_revision_item.data_content_type 
_pdbx_audit_revision_item.item 
1 4 'Structure model' '_database_2.pdbx_DOI'                
2 4 'Structure model' '_database_2.pdbx_database_accession' 
3 4 'Structure model' '_struct_site.pdbx_auth_asym_id'      
4 4 'Structure model' '_struct_site.pdbx_auth_comp_id'      
5 4 'Structure model' '_struct_site.pdbx_auth_seq_id'       
# 
_pdbx_database_status.status_code                     REL 
_pdbx_database_status.entry_id                        1IMR 
_pdbx_database_status.recvd_initial_deposition_date   1995-10-23 
_pdbx_database_status.deposit_site                    BNL 
_pdbx_database_status.process_site                    NDB 
_pdbx_database_status.SG_entry                        . 
_pdbx_database_status.pdb_format_compatible           Y 
_pdbx_database_status.status_code_mr                  ? 
_pdbx_database_status.status_code_sf                  ? 
_pdbx_database_status.status_code_cs                  ? 
_pdbx_database_status.status_code_nmr_data            ? 
_pdbx_database_status.methods_development_category    ? 
# 
loop_
_audit_author.name 
_audit_author.pdbx_ordinal 
'Berger, I.'     1 
'Su, L.'         2 
'Spitzner, J.R.' 3 
'Kang, C.'       4 
'Burke, T.G.'    5 
'Rich, A.'       6 
# 
_citation.id                        primary 
_citation.title                     
'Molecular structure of the halogenated anti-cancer drug iododoxorubicin complexed with d(TGTACA) and d(CGATCG).' 
_citation.journal_abbrev            'Nucleic Acids Res.' 
_citation.journal_volume            23 
_citation.page_first                4488 
_citation.page_last                 4494 
_citation.year                      1995 
_citation.journal_id_ASTM           NARHAD 
_citation.country                   UK 
_citation.journal_id_ISSN           0305-1048 
_citation.journal_id_CSD            0389 
_citation.book_publisher            ? 
_citation.pdbx_database_id_PubMed   7501474 
_citation.pdbx_database_id_DOI      10.1093/nar/23.21.4488 
# 
loop_
_citation_author.citation_id 
_citation_author.name 
_citation_author.ordinal 
_citation_author.identifier_ORCID 
primary 'Berger, I.'     1 ? 
primary 'Su, L.'         2 ? 
primary 'Spitzner, J.R.' 3 ? 
primary 'Kang, C.'       4 ? 
primary 'Burke, T.G.'    5 ? 
primary 'Rich, A.'       6 ? 
# 
loop_
_entity.id 
_entity.type 
_entity.src_method 
_entity.pdbx_description 
_entity.formula_weight 
_entity.pdbx_number_of_molecules 
_entity.pdbx_ec 
_entity.pdbx_mutation 
_entity.pdbx_fragment 
_entity.details 
1 polymer     syn 
;DNA (5'-D(*TP*GP*TP*AP*CP*A)-3')
;
1808.229 1  ? ? ? ? 
2 non-polymer syn "4'-DEOXY-4'-IODODOXORUBICIN"      654.424  1  ? ? ? ? 
3 water       nat water                              18.015   49 ? ? ? ? 
# 
_entity_poly.entity_id                      1 
_entity_poly.type                           polydeoxyribonucleotide 
_entity_poly.nstd_linkage                   no 
_entity_poly.nstd_monomer                   no 
_entity_poly.pdbx_seq_one_letter_code       '(DT)(DG)(DT)(DA)(DC)(DA)' 
_entity_poly.pdbx_seq_one_letter_code_can   TGTACA 
_entity_poly.pdbx_strand_id                 A 
_entity_poly.pdbx_target_identifier         ? 
# 
loop_
_pdbx_entity_nonpoly.entity_id 
_pdbx_entity_nonpoly.name 
_pdbx_entity_nonpoly.comp_id 
2 "4'-DEOXY-4'-IODODOXORUBICIN" DM7 
3 water                         HOH 
# 
loop_
_entity_poly_seq.entity_id 
_entity_poly_seq.num 
_entity_poly_seq.mon_id 
_entity_poly_seq.hetero 
1 1 DT n 
1 2 DG n 
1 3 DT n 
1 4 DA n 
1 5 DC n 
1 6 DA n 
# 
loop_
_chem_comp.id 
_chem_comp.type 
_chem_comp.mon_nstd_flag 
_chem_comp.name 
_chem_comp.pdbx_synonyms 
_chem_comp.formula 
_chem_comp.formula_weight 
DA  'DNA linking' y "2'-DEOXYADENOSINE-5'-MONOPHOSPHATE" ?                            'C10 H14 N5 O6 P'   331.222 
DC  'DNA linking' y "2'-DEOXYCYTIDINE-5'-MONOPHOSPHATE"  ?                            'C9 H14 N3 O7 P'    307.197 
DG  'DNA linking' y "2'-DEOXYGUANOSINE-5'-MONOPHOSPHATE" ?                            'C10 H14 N5 O7 P'   347.221 
DM7 non-polymer   . "4'-DEOXY-4'-IODODOXORUBICIN"        "4'-DEOXY-4'-IODOADRIAMYCIN" 'C27 H29 I N O10 1' 654.424 
DT  'DNA linking' y "THYMIDINE-5'-MONOPHOSPHATE"         ?                            'C10 H15 N2 O8 P'   322.208 
HOH non-polymer   . WATER                                ?                            'H2 O'              18.015  
# 
loop_
_pdbx_poly_seq_scheme.asym_id 
_pdbx_poly_seq_scheme.entity_id 
_pdbx_poly_seq_scheme.seq_id 
_pdbx_poly_seq_scheme.mon_id 
_pdbx_poly_seq_scheme.ndb_seq_num 
_pdbx_poly_seq_scheme.pdb_seq_num 
_pdbx_poly_seq_scheme.auth_seq_num 
_pdbx_poly_seq_scheme.pdb_mon_id 
_pdbx_poly_seq_scheme.auth_mon_id 
_pdbx_poly_seq_scheme.pdb_strand_id 
_pdbx_poly_seq_scheme.pdb_ins_code 
_pdbx_poly_seq_scheme.hetero 
A 1 1 DT 1 1 1 DT T A . n 
A 1 2 DG 2 2 2 DG G A . n 
A 1 3 DT 3 3 3 DT T A . n 
A 1 4 DA 4 4 4 DA A A . n 
A 1 5 DC 5 5 5 DC C A . n 
A 1 6 DA 6 6 6 DA A A . n 
# 
loop_
_pdbx_nonpoly_scheme.asym_id 
_pdbx_nonpoly_scheme.entity_id 
_pdbx_nonpoly_scheme.mon_id 
_pdbx_nonpoly_scheme.ndb_seq_num 
_pdbx_nonpoly_scheme.pdb_seq_num 
_pdbx_nonpoly_scheme.auth_seq_num 
_pdbx_nonpoly_scheme.pdb_mon_id 
_pdbx_nonpoly_scheme.auth_mon_id 
_pdbx_nonpoly_scheme.pdb_strand_id 
_pdbx_nonpoly_scheme.pdb_ins_code 
B 2 DM7 1  7  7  DM7 DM7 A . 
C 3 HOH 1  8  8  HOH HOH A . 
C 3 HOH 2  9  9  HOH HOH A . 
C 3 HOH 3  10 10 HOH HOH A . 
C 3 HOH 4  11 11 HOH HOH A . 
C 3 HOH 5  12 12 HOH HOH A . 
C 3 HOH 6  13 13 HOH HOH A . 
C 3 HOH 7  14 14 HOH HOH A . 
C 3 HOH 8  15 15 HOH HOH A . 
C 3 HOH 9  16 16 HOH HOH A . 
C 3 HOH 10 17 17 HOH HOH A . 
C 3 HOH 11 18 18 HOH HOH A . 
C 3 HOH 12 19 19 HOH HOH A . 
C 3 HOH 13 20 20 HOH HOH A . 
C 3 HOH 14 21 21 HOH HOH A . 
C 3 HOH 15 22 22 HOH HOH A . 
C 3 HOH 16 23 23 HOH HOH A . 
C 3 HOH 17 24 24 HOH HOH A . 
C 3 HOH 18 25 25 HOH HOH A . 
C 3 HOH 19 26 26 HOH HOH A . 
C 3 HOH 20 27 27 HOH HOH A . 
C 3 HOH 21 28 28 HOH HOH A . 
C 3 HOH 22 29 29 HOH HOH A . 
C 3 HOH 23 30 30 HOH HOH A . 
C 3 HOH 24 31 31 HOH HOH A . 
C 3 HOH 25 32 32 HOH HOH A . 
C 3 HOH 26 33 33 HOH HOH A . 
C 3 HOH 27 34 34 HOH HOH A . 
C 3 HOH 28 35 35 HOH HOH A . 
C 3 HOH 29 36 36 HOH HOH A . 
C 3 HOH 30 37 37 HOH HOH A . 
C 3 HOH 31 38 38 HOH HOH A . 
C 3 HOH 32 39 39 HOH HOH A . 
C 3 HOH 33 40 40 HOH HOH A . 
C 3 HOH 34 41 41 HOH HOH A . 
C 3 HOH 35 42 42 HOH HOH A . 
C 3 HOH 36 43 43 HOH HOH A . 
C 3 HOH 37 44 44 HOH HOH A . 
C 3 HOH 38 45 45 HOH HOH A . 
C 3 HOH 39 46 46 HOH HOH A . 
C 3 HOH 40 47 47 HOH HOH A . 
C 3 HOH 41 48 48 HOH HOH A . 
C 3 HOH 42 49 49 HOH HOH A . 
C 3 HOH 43 50 50 HOH HOH A . 
C 3 HOH 44 51 51 HOH HOH A . 
C 3 HOH 45 52 52 HOH HOH A . 
C 3 HOH 46 53 53 HOH HOH A . 
C 3 HOH 47 54 54 HOH HOH A . 
C 3 HOH 48 55 55 HOH HOH A . 
C 3 HOH 49 56 56 HOH HOH A . 
# 
_software.name             X-PLOR 
_software.classification   refinement 
_software.version          . 
_software.citation_id      ? 
_software.pdbx_ordinal     1 
# 
_cell.entry_id           1IMR 
_cell.length_a           27.960 
_cell.length_b           27.960 
_cell.length_c           52.570 
_cell.angle_alpha        90.00 
_cell.angle_beta         90.00 
_cell.angle_gamma        90.00 
_cell.Z_PDB              8 
_cell.pdbx_unique_axis   ? 
# 
_symmetry.entry_id                         1IMR 
_symmetry.space_group_name_H-M             'P 41 21 2' 
_symmetry.pdbx_full_space_group_name_H-M   ? 
_symmetry.cell_setting                     ? 
_symmetry.Int_Tables_number                92 
# 
_exptl.entry_id          1IMR 
_exptl.method            'X-RAY DIFFRACTION' 
_exptl.crystals_number   ? 
# 
_exptl_crystal.id                    1 
_exptl_crystal.density_meas          ? 
_exptl_crystal.density_Matthews      2.84 
_exptl_crystal.density_percent_sol   56.71 
_exptl_crystal.description           ? 
# 
_exptl_crystal_grow.crystal_id      1 
_exptl_crystal_grow.method          'VAPOR DIFFUSION, HANGING DROP' 
_exptl_crystal_grow.temp            277.00 
_exptl_crystal_grow.temp_details    ? 
_exptl_crystal_grow.pH              6.50 
_exptl_crystal_grow.pdbx_details    'pH 6.50, VAPOR DIFFUSION, HANGING DROP, temperature 277.00K' 
_exptl_crystal_grow.pdbx_pH_range   ? 
# 
loop_
_exptl_crystal_grow_comp.crystal_id 
_exptl_crystal_grow_comp.id 
_exptl_crystal_grow_comp.sol_id 
_exptl_crystal_grow_comp.name 
_exptl_crystal_grow_comp.volume 
_exptl_crystal_grow_comp.conc 
_exptl_crystal_grow_comp.details 
1 1 1 WATER          ? ? ? 
1 2 1 MPD            ? ? ? 
1 3 1 MGCL2          ? ? ? 
1 4 1 SPERMINE       ? ? ? 
1 5 1 KCL            ? ? ? 
1 6 1 'K CACODYLATE' ? ? ? 
1 7 2 WATER          ? ? ? 
1 8 2 MPD            ? ? ? 
# 
_diffrn.id                     1 
_diffrn.ambient_temp           277.00 
_diffrn.ambient_temp_details   ? 
_diffrn.crystal_id             1 
# 
_diffrn_detector.diffrn_id              1 
_diffrn_detector.detector               'IMAGE PLATE' 
_diffrn_detector.type                   'RIGAKU RAXIS IIC' 
_diffrn_detector.pdbx_collection_date   ? 
_diffrn_detector.details                ? 
# 
_diffrn_radiation.diffrn_id                        1 
_diffrn_radiation.wavelength_id                    1 
_diffrn_radiation.pdbx_monochromatic_or_laue_m_l   ? 
_diffrn_radiation.monochromator                    ? 
_diffrn_radiation.pdbx_diffrn_protocol             ? 
_diffrn_radiation.pdbx_scattering_type             x-ray 
# 
_diffrn_radiation_wavelength.id           1 
_diffrn_radiation_wavelength.wavelength   . 
_diffrn_radiation_wavelength.wt           1.0 
# 
_diffrn_source.diffrn_id                   1 
_diffrn_source.source                      ? 
_diffrn_source.type                        ? 
_diffrn_source.pdbx_synchrotron_site       ? 
_diffrn_source.pdbx_synchrotron_beamline   ? 
_diffrn_source.pdbx_wavelength             ? 
_diffrn_source.pdbx_wavelength_list        ? 
# 
_refine.entry_id                                 1IMR 
_refine.ls_number_reflns_obs                     2521 
_refine.ls_number_reflns_all                     ? 
_refine.pdbx_ls_sigma_I                          ? 
_refine.pdbx_ls_sigma_F                          1.000 
_refine.pdbx_data_cutoff_high_absF               ? 
_refine.pdbx_data_cutoff_low_absF                ? 
_refine.pdbx_data_cutoff_high_rms_absF           ? 
_refine.ls_d_res_low                             10.000 
_refine.ls_d_res_high                            1.600 
_refine.ls_percent_reflns_obs                    ? 
_refine.ls_R_factor_obs                          0.1760000 
_refine.ls_R_factor_all                          ? 
_refine.ls_R_factor_R_work                       0.1760000 
_refine.ls_R_factor_R_free                       ? 
_refine.ls_R_factor_R_free_error                 ? 
_refine.ls_R_factor_R_free_error_details         ? 
_refine.ls_percent_reflns_R_free                 ? 
_refine.ls_number_reflns_R_free                  ? 
_refine.ls_number_parameters                     ? 
_refine.ls_number_restraints                     ? 
_refine.occupancy_min                            ? 
_refine.occupancy_max                            ? 
_refine.B_iso_mean                               ? 
_refine.aniso_B[1][1]                            ? 
_refine.aniso_B[2][2]                            ? 
_refine.aniso_B[3][3]                            ? 
_refine.aniso_B[1][2]                            ? 
_refine.aniso_B[1][3]                            ? 
_refine.aniso_B[2][3]                            ? 
_refine.solvent_model_details                    ? 
_refine.solvent_model_param_ksol                 ? 
_refine.solvent_model_param_bsol                 ? 
_refine.pdbx_ls_cross_valid_method               ? 
_refine.details                                  ? 
_refine.pdbx_starting_model                      ? 
_refine.pdbx_method_to_determine_struct          ? 
_refine.pdbx_isotropic_thermal_model             ? 
_refine.pdbx_stereochemistry_target_values       ? 
_refine.pdbx_stereochem_target_val_spec_case     ? 
_refine.pdbx_R_Free_selection_details            ? 
_refine.pdbx_overall_ESU_R                       ? 
_refine.pdbx_overall_ESU_R_Free                  ? 
_refine.overall_SU_ML                            ? 
_refine.overall_SU_B                             ? 
_refine.pdbx_refine_id                           'X-RAY DIFFRACTION' 
_refine.pdbx_diffrn_id                           1 
_refine.pdbx_TLS_residual_ADP_flag               ? 
_refine.correlation_coeff_Fo_to_Fc               ? 
_refine.correlation_coeff_Fo_to_Fc_free          ? 
_refine.pdbx_solvent_vdw_probe_radii             ? 
_refine.pdbx_solvent_ion_probe_radii             ? 
_refine.pdbx_solvent_shrinkage_radii             ? 
_refine.pdbx_overall_phase_error                 ? 
_refine.overall_SU_R_Cruickshank_DPI             ? 
_refine.pdbx_overall_SU_R_free_Cruickshank_DPI   ? 
_refine.pdbx_overall_SU_R_Blow_DPI               ? 
_refine.pdbx_overall_SU_R_free_Blow_DPI          ? 
# 
_refine_hist.pdbx_refine_id                   'X-RAY DIFFRACTION' 
_refine_hist.cycle_id                         LAST 
_refine_hist.pdbx_number_atoms_protein        0 
_refine_hist.pdbx_number_atoms_nucleic_acid   133 
_refine_hist.pdbx_number_atoms_ligand         39 
_refine_hist.number_atoms_solvent             49 
_refine_hist.number_atoms_total               221 
_refine_hist.d_res_high                       1.600 
_refine_hist.d_res_low                        10.000 
# 
loop_
_refine_ls_restr.type 
_refine_ls_restr.dev_ideal 
_refine_ls_restr.dev_ideal_target 
_refine_ls_restr.weight 
_refine_ls_restr.number 
_refine_ls_restr.pdbx_refine_id 
_refine_ls_restr.pdbx_restraint_function 
x_bond_d                0.016 ? ? ? 'X-RAY DIFFRACTION' ? 
x_bond_d_na             ?     ? ? ? 'X-RAY DIFFRACTION' ? 
x_bond_d_prot           ?     ? ? ? 'X-RAY DIFFRACTION' ? 
x_angle_d               ?     ? ? ? 'X-RAY DIFFRACTION' ? 
x_angle_d_na            ?     ? ? ? 'X-RAY DIFFRACTION' ? 
x_angle_d_prot          ?     ? ? ? 'X-RAY DIFFRACTION' ? 
x_angle_deg             ?     ? ? ? 'X-RAY DIFFRACTION' ? 
x_angle_deg_na          ?     ? ? ? 'X-RAY DIFFRACTION' ? 
x_angle_deg_prot        ?     ? ? ? 'X-RAY DIFFRACTION' ? 
x_dihedral_angle_d      ?     ? ? ? 'X-RAY DIFFRACTION' ? 
x_dihedral_angle_d_na   ?     ? ? ? 'X-RAY DIFFRACTION' ? 
x_dihedral_angle_d_prot ?     ? ? ? 'X-RAY DIFFRACTION' ? 
x_improper_angle_d      ?     ? ? ? 'X-RAY DIFFRACTION' ? 
x_improper_angle_d_na   ?     ? ? ? 'X-RAY DIFFRACTION' ? 
x_improper_angle_d_prot ?     ? ? ? 'X-RAY DIFFRACTION' ? 
x_mcbond_it             ?     ? ? ? 'X-RAY DIFFRACTION' ? 
x_mcangle_it            ?     ? ? ? 'X-RAY DIFFRACTION' ? 
x_scbond_it             ?     ? ? ? 'X-RAY DIFFRACTION' ? 
x_scangle_it            ?     ? ? ? 'X-RAY DIFFRACTION' ? 
# 
_struct.entry_id                  1IMR 
_struct.title                     
'MOLECULAR STRUCTURE OF THE HALOGENATED ANTI-CANCER DRUG IODODOXORUBICIN COMPLEXED WITH D(TGTACA) AND D(CGATCG)' 
_struct.pdbx_model_details        ? 
_struct.pdbx_CASP_flag            ? 
_struct.pdbx_model_type_details   ? 
# 
_struct_keywords.entry_id        1IMR 
_struct_keywords.pdbx_keywords   DNA 
_struct_keywords.text            'RIGHT HANDED DNA, DOUBLE HELIX, COMPLEXED WITH DRUG, DNA' 
# 
loop_
_struct_asym.id 
_struct_asym.pdbx_blank_PDB_chainid_flag 
_struct_asym.pdbx_modified 
_struct_asym.entity_id 
_struct_asym.details 
A N N 1 ? 
B N N 2 ? 
C N N 3 ? 
# 
_struct_ref.id                         1 
_struct_ref.entity_id                  1 
_struct_ref.db_name                    PDB 
_struct_ref.db_code                    1IMR 
_struct_ref.pdbx_db_accession          1IMR 
_struct_ref.pdbx_db_isoform            ? 
_struct_ref.pdbx_seq_one_letter_code   ? 
_struct_ref.pdbx_align_begin           ? 
# 
_struct_ref_seq.align_id                      1 
_struct_ref_seq.ref_id                        1 
_struct_ref_seq.pdbx_PDB_id_code              1IMR 
_struct_ref_seq.pdbx_strand_id                A 
_struct_ref_seq.seq_align_beg                 1 
_struct_ref_seq.pdbx_seq_align_beg_ins_code   ? 
_struct_ref_seq.seq_align_end                 6 
_struct_ref_seq.pdbx_seq_align_end_ins_code   ? 
_struct_ref_seq.pdbx_db_accession             1IMR 
_struct_ref_seq.db_align_beg                  1 
_struct_ref_seq.pdbx_db_align_beg_ins_code    ? 
_struct_ref_seq.db_align_end                  6 
_struct_ref_seq.pdbx_db_align_end_ins_code    ? 
_struct_ref_seq.pdbx_auth_seq_align_beg       1 
_struct_ref_seq.pdbx_auth_seq_align_end       6 
# 
_pdbx_struct_assembly.id                   1 
_pdbx_struct_assembly.details              author_defined_assembly 
_pdbx_struct_assembly.method_details       ? 
_pdbx_struct_assembly.oligomeric_details   dimeric 
_pdbx_struct_assembly.oligomeric_count     2 
# 
_pdbx_struct_assembly_gen.assembly_id       1 
_pdbx_struct_assembly_gen.oper_expression   1,2 
_pdbx_struct_assembly_gen.asym_id_list      A,B,C 
# 
loop_
_pdbx_struct_oper_list.id 
_pdbx_struct_oper_list.type 
_pdbx_struct_oper_list.name 
_pdbx_struct_oper_list.symmetry_operation 
_pdbx_struct_oper_list.matrix[1][1] 
_pdbx_struct_oper_list.matrix[1][2] 
_pdbx_struct_oper_list.matrix[1][3] 
_pdbx_struct_oper_list.vector[1] 
_pdbx_struct_oper_list.matrix[2][1] 
_pdbx_struct_oper_list.matrix[2][2] 
_pdbx_struct_oper_list.matrix[2][3] 
_pdbx_struct_oper_list.vector[2] 
_pdbx_struct_oper_list.matrix[3][1] 
_pdbx_struct_oper_list.matrix[3][2] 
_pdbx_struct_oper_list.matrix[3][3] 
_pdbx_struct_oper_list.vector[3] 
1 'identity operation'         1_555 x,y,z            1.0000000000  0.0000000000 0.0000000000 0.0000000000  0.0000000000 1.0000000000 0.0000000000 0.0000000000 0.0000000000 0.0000000000 1.0000000000  0.0000000000 
2 'crystal symmetry operation' 8_665 -y+1,-x+1,-z+1/2 -0.4148522492 0.8909566581 0.1846451861 -3.5283254520 0.8909566581 0.3565868885 0.2811441344 1.6488702497 0.1846451861 0.2811441344 -0.9417346393 3.2252114859 
# 
_struct_biol.id   1 
# 
loop_
_struct_conn.id 
_struct_conn.conn_type_id 
_struct_conn.pdbx_leaving_atom_flag 
_struct_conn.pdbx_PDB_id 
_struct_conn.ptnr1_label_asym_id 
_struct_conn.ptnr1_label_comp_id 
_struct_conn.ptnr1_label_seq_id 
_struct_conn.ptnr1_label_atom_id 
_struct_conn.pdbx_ptnr1_label_alt_id 
_struct_conn.pdbx_ptnr1_PDB_ins_code 
_struct_conn.pdbx_ptnr1_standard_comp_id 
_struct_conn.ptnr1_symmetry 
_struct_conn.ptnr2_label_asym_id 
_struct_conn.ptnr2_label_comp_id 
_struct_conn.ptnr2_label_seq_id 
_struct_conn.ptnr2_label_atom_id 
_struct_conn.pdbx_ptnr2_label_alt_id 
_struct_conn.pdbx_ptnr2_PDB_ins_code 
_struct_conn.ptnr1_auth_asym_id 
_struct_conn.ptnr1_auth_comp_id 
_struct_conn.ptnr1_auth_seq_id 
_struct_conn.ptnr2_auth_asym_id 
_struct_conn.ptnr2_auth_comp_id 
_struct_conn.ptnr2_auth_seq_id 
_struct_conn.ptnr2_symmetry 
_struct_conn.pdbx_ptnr3_label_atom_id 
_struct_conn.pdbx_ptnr3_label_seq_id 
_struct_conn.pdbx_ptnr3_label_comp_id 
_struct_conn.pdbx_ptnr3_label_asym_id 
_struct_conn.pdbx_ptnr3_label_alt_id 
_struct_conn.pdbx_ptnr3_PDB_ins_code 
_struct_conn.details 
_struct_conn.pdbx_dist_value 
_struct_conn.pdbx_value_order 
_struct_conn.pdbx_role 
hydrog1  hydrog ? ? A DT 1 N3 ? ? ? 1_555 A DA 6 N1 ? ? A DT 1 A DA 6 8_665 ? ? ? ? ? ? WATSON-CRICK ? ? ? 
hydrog2  hydrog ? ? A DT 1 O4 ? ? ? 1_555 A DA 6 N6 ? ? A DT 1 A DA 6 8_665 ? ? ? ? ? ? WATSON-CRICK ? ? ? 
hydrog3  hydrog ? ? A DG 2 N1 ? ? ? 1_555 A DC 5 N3 ? ? A DG 2 A DC 5 8_665 ? ? ? ? ? ? WATSON-CRICK ? ? ? 
hydrog4  hydrog ? ? A DG 2 N2 ? ? ? 1_555 A DC 5 O2 ? ? A DG 2 A DC 5 8_665 ? ? ? ? ? ? WATSON-CRICK ? ? ? 
hydrog5  hydrog ? ? A DG 2 O6 ? ? ? 1_555 A DC 5 N4 ? ? A DG 2 A DC 5 8_665 ? ? ? ? ? ? WATSON-CRICK ? ? ? 
hydrog6  hydrog ? ? A DT 3 N3 ? ? ? 1_555 A DA 4 N1 ? ? A DT 3 A DA 4 8_665 ? ? ? ? ? ? WATSON-CRICK ? ? ? 
hydrog7  hydrog ? ? A DT 3 O4 ? ? ? 1_555 A DA 4 N6 ? ? A DT 3 A DA 4 8_665 ? ? ? ? ? ? WATSON-CRICK ? ? ? 
hydrog8  hydrog ? ? A DA 4 N1 ? ? ? 1_555 A DT 3 N3 ? ? A DA 4 A DT 3 8_665 ? ? ? ? ? ? WATSON-CRICK ? ? ? 
hydrog9  hydrog ? ? A DA 4 N6 ? ? ? 1_555 A DT 3 O4 ? ? A DA 4 A DT 3 8_665 ? ? ? ? ? ? WATSON-CRICK ? ? ? 
hydrog10 hydrog ? ? A DC 5 N3 ? ? ? 1_555 A DG 2 N1 ? ? A DC 5 A DG 2 8_665 ? ? ? ? ? ? WATSON-CRICK ? ? ? 
hydrog11 hydrog ? ? A DC 5 N4 ? ? ? 1_555 A DG 2 O6 ? ? A DC 5 A DG 2 8_665 ? ? ? ? ? ? WATSON-CRICK ? ? ? 
hydrog12 hydrog ? ? A DC 5 O2 ? ? ? 1_555 A DG 2 N2 ? ? A DC 5 A DG 2 8_665 ? ? ? ? ? ? WATSON-CRICK ? ? ? 
hydrog13 hydrog ? ? A DA 6 N1 ? ? ? 1_555 A DT 1 N3 ? ? A DA 6 A DT 1 8_665 ? ? ? ? ? ? WATSON-CRICK ? ? ? 
hydrog14 hydrog ? ? A DA 6 N6 ? ? ? 1_555 A DT 1 O4 ? ? A DA 6 A DT 1 8_665 ? ? ? ? ? ? WATSON-CRICK ? ? ? 
# 
_struct_conn_type.id          hydrog 
_struct_conn_type.criteria    ? 
_struct_conn_type.reference   ? 
# 
loop_
_struct_site.id 
_struct_site.pdbx_evidence_code 
_struct_site.pdbx_auth_asym_id 
_struct_site.pdbx_auth_comp_id 
_struct_site.pdbx_auth_seq_id 
_struct_site.pdbx_auth_ins_code 
_struct_site.pdbx_num_residues 
_struct_site.details 
AC1 Software A DM7 7 ? 12 'BINDING SITE FOR RESIDUE DM7 A 7' 
1   ?        ? ?   ? ? ?  ?                                  
# 
loop_
_struct_site_gen.id 
_struct_site_gen.site_id 
_struct_site_gen.pdbx_num_res 
_struct_site_gen.label_comp_id 
_struct_site_gen.label_asym_id 
_struct_site_gen.label_seq_id 
_struct_site_gen.pdbx_auth_ins_code 
_struct_site_gen.auth_comp_id 
_struct_site_gen.auth_asym_id 
_struct_site_gen.auth_seq_id 
_struct_site_gen.label_atom_id 
_struct_site_gen.label_alt_id 
_struct_site_gen.symmetry 
_struct_site_gen.details 
1  AC1 12 DT  A 1 ? DT  A 1  . ? 8_665 ? 
2  AC1 12 DG  A 2 ? DG  A 2  . ? 8_665 ? 
3  AC1 12 DT  A 3 ? DT  A 3  . ? 8_665 ? 
4  AC1 12 DA  A 4 ? DA  A 4  . ? 1_555 ? 
5  AC1 12 DC  A 5 ? DC  A 5  . ? 1_555 ? 
6  AC1 12 DA  A 6 ? DA  A 6  . ? 1_555 ? 
7  AC1 12 HOH C . ? HOH A 8  . ? 1_555 ? 
8  AC1 12 HOH C . ? HOH A 9  . ? 1_555 ? 
9  AC1 12 HOH C . ? HOH A 23 . ? 1_555 ? 
10 AC1 12 HOH C . ? HOH A 25 . ? 1_555 ? 
11 AC1 12 HOH C . ? HOH A 28 . ? 1_555 ? 
12 AC1 12 HOH C . ? HOH A 45 . ? 1_555 ? 
# 
loop_
_pdbx_validate_rmsd_bond.id 
_pdbx_validate_rmsd_bond.PDB_model_num 
_pdbx_validate_rmsd_bond.auth_atom_id_1 
_pdbx_validate_rmsd_bond.auth_asym_id_1 
_pdbx_validate_rmsd_bond.auth_comp_id_1 
_pdbx_validate_rmsd_bond.auth_seq_id_1 
_pdbx_validate_rmsd_bond.PDB_ins_code_1 
_pdbx_validate_rmsd_bond.label_alt_id_1 
_pdbx_validate_rmsd_bond.auth_atom_id_2 
_pdbx_validate_rmsd_bond.auth_asym_id_2 
_pdbx_validate_rmsd_bond.auth_comp_id_2 
_pdbx_validate_rmsd_bond.auth_seq_id_2 
_pdbx_validate_rmsd_bond.PDB_ins_code_2 
_pdbx_validate_rmsd_bond.label_alt_id_2 
_pdbx_validate_rmsd_bond.bond_value 
_pdbx_validate_rmsd_bond.bond_target_value 
_pdbx_validate_rmsd_bond.bond_deviation 
_pdbx_validate_rmsd_bond.bond_standard_deviation 
_pdbx_validate_rmsd_bond.linker_flag 
1 1 C5 A DT 1 ? ? C7 A DT 1 ? ? 1.555 1.496 0.059 0.006 N 
2 1 C5 A DT 3 ? ? C7 A DT 3 ? ? 1.550 1.496 0.054 0.006 N 
# 
loop_
_pdbx_validate_rmsd_angle.id 
_pdbx_validate_rmsd_angle.PDB_model_num 
_pdbx_validate_rmsd_angle.auth_atom_id_1 
_pdbx_validate_rmsd_angle.auth_asym_id_1 
_pdbx_validate_rmsd_angle.auth_comp_id_1 
_pdbx_validate_rmsd_angle.auth_seq_id_1 
_pdbx_validate_rmsd_angle.PDB_ins_code_1 
_pdbx_validate_rmsd_angle.label_alt_id_1 
_pdbx_validate_rmsd_angle.auth_atom_id_2 
_pdbx_validate_rmsd_angle.auth_asym_id_2 
_pdbx_validate_rmsd_angle.auth_comp_id_2 
_pdbx_validate_rmsd_angle.auth_seq_id_2 
_pdbx_validate_rmsd_angle.PDB_ins_code_2 
_pdbx_validate_rmsd_angle.label_alt_id_2 
_pdbx_validate_rmsd_angle.auth_atom_id_3 
_pdbx_validate_rmsd_angle.auth_asym_id_3 
_pdbx_validate_rmsd_angle.auth_comp_id_3 
_pdbx_validate_rmsd_angle.auth_seq_id_3 
_pdbx_validate_rmsd_angle.PDB_ins_code_3 
_pdbx_validate_rmsd_angle.label_alt_id_3 
_pdbx_validate_rmsd_angle.angle_value 
_pdbx_validate_rmsd_angle.angle_target_value 
_pdbx_validate_rmsd_angle.angle_deviation 
_pdbx_validate_rmsd_angle.angle_standard_deviation 
_pdbx_validate_rmsd_angle.linker_flag 
1 1 "O4'" A DT 1 ? ? "C1'" A DT 1 ? ? N1    A DT 1 ? ? 112.13 108.30 3.83  0.30 N 
2 1 "O4'" A DG 2 ? ? "C1'" A DG 2 ? ? N9    A DG 2 ? ? 112.25 108.30 3.95  0.30 N 
3 1 C6    A DT 3 ? ? C5    A DT 3 ? ? C7    A DT 3 ? ? 119.22 122.90 -3.68 0.60 N 
4 1 "C1'" A DC 5 ? ? "O4'" A DC 5 ? ? "C4'" A DC 5 ? ? 102.29 110.10 -7.81 1.00 N 
5 1 N1    A DC 5 ? ? C2    A DC 5 ? ? O2    A DC 5 ? ? 123.27 118.90 4.37  0.60 N 
# 
_struct_site_keywords.site_id   1 
_struct_site_keywords.text      INTERCALATION 
# 
loop_
_chem_comp_atom.comp_id 
_chem_comp_atom.atom_id 
_chem_comp_atom.type_symbol 
_chem_comp_atom.pdbx_aromatic_flag 
_chem_comp_atom.pdbx_stereo_config 
_chem_comp_atom.pdbx_ordinal 
DA  OP3    O N N 1   
DA  P      P N N 2   
DA  OP1    O N N 3   
DA  OP2    O N N 4   
DA  "O5'"  O N N 5   
DA  "C5'"  C N N 6   
DA  "C4'"  C N R 7   
DA  "O4'"  O N N 8   
DA  "C3'"  C N S 9   
DA  "O3'"  O N N 10  
DA  "C2'"  C N N 11  
DA  "C1'"  C N R 12  
DA  N9     N Y N 13  
DA  C8     C Y N 14  
DA  N7     N Y N 15  
DA  C5     C Y N 16  
DA  C6     C Y N 17  
DA  N6     N N N 18  
DA  N1     N Y N 19  
DA  C2     C Y N 20  
DA  N3     N Y N 21  
DA  C4     C Y N 22  
DA  HOP3   H N N 23  
DA  HOP2   H N N 24  
DA  "H5'"  H N N 25  
DA  "H5''" H N N 26  
DA  "H4'"  H N N 27  
DA  "H3'"  H N N 28  
DA  "HO3'" H N N 29  
DA  "H2'"  H N N 30  
DA  "H2''" H N N 31  
DA  "H1'"  H N N 32  
DA  H8     H N N 33  
DA  H61    H N N 34  
DA  H62    H N N 35  
DA  H2     H N N 36  
DC  OP3    O N N 37  
DC  P      P N N 38  
DC  OP1    O N N 39  
DC  OP2    O N N 40  
DC  "O5'"  O N N 41  
DC  "C5'"  C N N 42  
DC  "C4'"  C N R 43  
DC  "O4'"  O N N 44  
DC  "C3'"  C N S 45  
DC  "O3'"  O N N 46  
DC  "C2'"  C N N 47  
DC  "C1'"  C N R 48  
DC  N1     N N N 49  
DC  C2     C N N 50  
DC  O2     O N N 51  
DC  N3     N N N 52  
DC  C4     C N N 53  
DC  N4     N N N 54  
DC  C5     C N N 55  
DC  C6     C N N 56  
DC  HOP3   H N N 57  
DC  HOP2   H N N 58  
DC  "H5'"  H N N 59  
DC  "H5''" H N N 60  
DC  "H4'"  H N N 61  
DC  "H3'"  H N N 62  
DC  "HO3'" H N N 63  
DC  "H2'"  H N N 64  
DC  "H2''" H N N 65  
DC  "H1'"  H N N 66  
DC  H41    H N N 67  
DC  H42    H N N 68  
DC  H5     H N N 69  
DC  H6     H N N 70  
DG  OP3    O N N 71  
DG  P      P N N 72  
DG  OP1    O N N 73  
DG  OP2    O N N 74  
DG  "O5'"  O N N 75  
DG  "C5'"  C N N 76  
DG  "C4'"  C N R 77  
DG  "O4'"  O N N 78  
DG  "C3'"  C N S 79  
DG  "O3'"  O N N 80  
DG  "C2'"  C N N 81  
DG  "C1'"  C N R 82  
DG  N9     N Y N 83  
DG  C8     C Y N 84  
DG  N7     N Y N 85  
DG  C5     C Y N 86  
DG  C6     C N N 87  
DG  O6     O N N 88  
DG  N1     N N N 89  
DG  C2     C N N 90  
DG  N2     N N N 91  
DG  N3     N N N 92  
DG  C4     C Y N 93  
DG  HOP3   H N N 94  
DG  HOP2   H N N 95  
DG  "H5'"  H N N 96  
DG  "H5''" H N N 97  
DG  "H4'"  H N N 98  
DG  "H3'"  H N N 99  
DG  "HO3'" H N N 100 
DG  "H2'"  H N N 101 
DG  "H2''" H N N 102 
DG  "H1'"  H N N 103 
DG  H8     H N N 104 
DG  H1     H N N 105 
DG  H21    H N N 106 
DG  H22    H N N 107 
DM7 C1     C Y N 108 
DM7 C2     C Y N 109 
DM7 C3     C Y N 110 
DM7 C4     C Y N 111 
DM7 C5     C N N 112 
DM7 C6     C Y N 113 
DM7 C7     C N S 114 
DM7 C8     C N N 115 
DM7 C9     C N S 116 
DM7 C10    C N N 117 
DM7 C11    C Y N 118 
DM7 C12    C N N 119 
DM7 C13    C N N 120 
DM7 C14    C N N 121 
DM7 C15    C Y N 122 
DM7 C16    C Y N 123 
DM7 C17    C Y N 124 
DM7 C18    C Y N 125 
DM7 C19    C Y N 126 
DM7 C20    C Y N 127 
DM7 C21    C N N 128 
DM7 O4     O N N 129 
DM7 O5     O N N 130 
DM7 O6     O N N 131 
DM7 O7     O N N 132 
DM7 O9     O N N 133 
DM7 O11    O N N 134 
DM7 O12    O N N 135 
DM7 O13    O N N 136 
DM7 O14    O N N 137 
DM7 "C1'"  C N R 138 
DM7 "C2'"  C N N 139 
DM7 "C3'"  C N S 140 
DM7 "C4'"  C N S 141 
DM7 "C5'"  C N S 142 
DM7 "C6'"  C N N 143 
DM7 "O5'"  O N N 144 
DM7 "N3'"  N N N 145 
DM7 "I4'"  I N N 146 
DM7 H1     H N N 147 
DM7 H2     H N N 148 
DM7 H3     H N N 149 
DM7 H7     H N N 150 
DM7 H81    H N N 151 
DM7 H82    H N N 152 
DM7 H101   H N N 153 
DM7 H102   H N N 154 
DM7 H141   H N N 155 
DM7 H142   H N N 156 
DM7 H211   H N N 157 
DM7 H212   H N N 158 
DM7 H213   H N N 159 
DM7 HO6    H N N 160 
DM7 HO9    H N N 161 
DM7 HO11   H N N 162 
DM7 HO14   H N N 163 
DM7 "H1'"  H N N 164 
DM7 "H2'1" H N N 165 
DM7 "H2'2" H N N 166 
DM7 "H3'"  H N N 167 
DM7 "H4'"  H N N 168 
DM7 "H5'"  H N N 169 
DM7 "H6'1" H N N 170 
DM7 "H6'2" H N N 171 
DM7 "H6'3" H N N 172 
DM7 "HN'1" H N N 173 
DM7 "HN'2" H N N 174 
DM7 "HN'3" H N N 175 
DT  OP3    O N N 176 
DT  P      P N N 177 
DT  OP1    O N N 178 
DT  OP2    O N N 179 
DT  "O5'"  O N N 180 
DT  "C5'"  C N N 181 
DT  "C4'"  C N R 182 
DT  "O4'"  O N N 183 
DT  "C3'"  C N S 184 
DT  "O3'"  O N N 185 
DT  "C2'"  C N N 186 
DT  "C1'"  C N R 187 
DT  N1     N N N 188 
DT  C2     C N N 189 
DT  O2     O N N 190 
DT  N3     N N N 191 
DT  C4     C N N 192 
DT  O4     O N N 193 
DT  C5     C N N 194 
DT  C7     C N N 195 
DT  C6     C N N 196 
DT  HOP3   H N N 197 
DT  HOP2   H N N 198 
DT  "H5'"  H N N 199 
DT  "H5''" H N N 200 
DT  "H4'"  H N N 201 
DT  "H3'"  H N N 202 
DT  "HO3'" H N N 203 
DT  "H2'"  H N N 204 
DT  "H2''" H N N 205 
DT  "H1'"  H N N 206 
DT  H3     H N N 207 
DT  H71    H N N 208 
DT  H72    H N N 209 
DT  H73    H N N 210 
DT  H6     H N N 211 
HOH O      O N N 212 
HOH H1     H N N 213 
HOH H2     H N N 214 
# 
loop_
_chem_comp_bond.comp_id 
_chem_comp_bond.atom_id_1 
_chem_comp_bond.atom_id_2 
_chem_comp_bond.value_order 
_chem_comp_bond.pdbx_aromatic_flag 
_chem_comp_bond.pdbx_stereo_config 
_chem_comp_bond.pdbx_ordinal 
DA  OP3   P      sing N N 1   
DA  OP3   HOP3   sing N N 2   
DA  P     OP1    doub N N 3   
DA  P     OP2    sing N N 4   
DA  P     "O5'"  sing N N 5   
DA  OP2   HOP2   sing N N 6   
DA  "O5'" "C5'"  sing N N 7   
DA  "C5'" "C4'"  sing N N 8   
DA  "C5'" "H5'"  sing N N 9   
DA  "C5'" "H5''" sing N N 10  
DA  "C4'" "O4'"  sing N N 11  
DA  "C4'" "C3'"  sing N N 12  
DA  "C4'" "H4'"  sing N N 13  
DA  "O4'" "C1'"  sing N N 14  
DA  "C3'" "O3'"  sing N N 15  
DA  "C3'" "C2'"  sing N N 16  
DA  "C3'" "H3'"  sing N N 17  
DA  "O3'" "HO3'" sing N N 18  
DA  "C2'" "C1'"  sing N N 19  
DA  "C2'" "H2'"  sing N N 20  
DA  "C2'" "H2''" sing N N 21  
DA  "C1'" N9     sing N N 22  
DA  "C1'" "H1'"  sing N N 23  
DA  N9    C8     sing Y N 24  
DA  N9    C4     sing Y N 25  
DA  C8    N7     doub Y N 26  
DA  C8    H8     sing N N 27  
DA  N7    C5     sing Y N 28  
DA  C5    C6     sing Y N 29  
DA  C5    C4     doub Y N 30  
DA  C6    N6     sing N N 31  
DA  C6    N1     doub Y N 32  
DA  N6    H61    sing N N 33  
DA  N6    H62    sing N N 34  
DA  N1    C2     sing Y N 35  
DA  C2    N3     doub Y N 36  
DA  C2    H2     sing N N 37  
DA  N3    C4     sing Y N 38  
DC  OP3   P      sing N N 39  
DC  OP3   HOP3   sing N N 40  
DC  P     OP1    doub N N 41  
DC  P     OP2    sing N N 42  
DC  P     "O5'"  sing N N 43  
DC  OP2   HOP2   sing N N 44  
DC  "O5'" "C5'"  sing N N 45  
DC  "C5'" "C4'"  sing N N 46  
DC  "C5'" "H5'"  sing N N 47  
DC  "C5'" "H5''" sing N N 48  
DC  "C4'" "O4'"  sing N N 49  
DC  "C4'" "C3'"  sing N N 50  
DC  "C4'" "H4'"  sing N N 51  
DC  "O4'" "C1'"  sing N N 52  
DC  "C3'" "O3'"  sing N N 53  
DC  "C3'" "C2'"  sing N N 54  
DC  "C3'" "H3'"  sing N N 55  
DC  "O3'" "HO3'" sing N N 56  
DC  "C2'" "C1'"  sing N N 57  
DC  "C2'" "H2'"  sing N N 58  
DC  "C2'" "H2''" sing N N 59  
DC  "C1'" N1     sing N N 60  
DC  "C1'" "H1'"  sing N N 61  
DC  N1    C2     sing N N 62  
DC  N1    C6     sing N N 63  
DC  C2    O2     doub N N 64  
DC  C2    N3     sing N N 65  
DC  N3    C4     doub N N 66  
DC  C4    N4     sing N N 67  
DC  C4    C5     sing N N 68  
DC  N4    H41    sing N N 69  
DC  N4    H42    sing N N 70  
DC  C5    C6     doub N N 71  
DC  C5    H5     sing N N 72  
DC  C6    H6     sing N N 73  
DG  OP3   P      sing N N 74  
DG  OP3   HOP3   sing N N 75  
DG  P     OP1    doub N N 76  
DG  P     OP2    sing N N 77  
DG  P     "O5'"  sing N N 78  
DG  OP2   HOP2   sing N N 79  
DG  "O5'" "C5'"  sing N N 80  
DG  "C5'" "C4'"  sing N N 81  
DG  "C5'" "H5'"  sing N N 82  
DG  "C5'" "H5''" sing N N 83  
DG  "C4'" "O4'"  sing N N 84  
DG  "C4'" "C3'"  sing N N 85  
DG  "C4'" "H4'"  sing N N 86  
DG  "O4'" "C1'"  sing N N 87  
DG  "C3'" "O3'"  sing N N 88  
DG  "C3'" "C2'"  sing N N 89  
DG  "C3'" "H3'"  sing N N 90  
DG  "O3'" "HO3'" sing N N 91  
DG  "C2'" "C1'"  sing N N 92  
DG  "C2'" "H2'"  sing N N 93  
DG  "C2'" "H2''" sing N N 94  
DG  "C1'" N9     sing N N 95  
DG  "C1'" "H1'"  sing N N 96  
DG  N9    C8     sing Y N 97  
DG  N9    C4     sing Y N 98  
DG  C8    N7     doub Y N 99  
DG  C8    H8     sing N N 100 
DG  N7    C5     sing Y N 101 
DG  C5    C6     sing N N 102 
DG  C5    C4     doub Y N 103 
DG  C6    O6     doub N N 104 
DG  C6    N1     sing N N 105 
DG  N1    C2     sing N N 106 
DG  N1    H1     sing N N 107 
DG  C2    N2     sing N N 108 
DG  C2    N3     doub N N 109 
DG  N2    H21    sing N N 110 
DG  N2    H22    sing N N 111 
DG  N3    C4     sing N N 112 
DM7 C1    C2     doub Y N 113 
DM7 C1    C15    sing Y N 114 
DM7 C1    H1     sing N N 115 
DM7 C2    C3     sing Y N 116 
DM7 C2    H2     sing N N 117 
DM7 C3    C4     doub Y N 118 
DM7 C3    H3     sing N N 119 
DM7 C4    C16    sing Y N 120 
DM7 C4    O4     sing N N 121 
DM7 C5    C16    sing N N 122 
DM7 C5    C17    sing N N 123 
DM7 C5    O5     doub N N 124 
DM7 C6    C17    doub Y N 125 
DM7 C6    C19    sing Y N 126 
DM7 C6    O6     sing N N 127 
DM7 C7    C8     sing N N 128 
DM7 C7    C19    sing N N 129 
DM7 C7    O7     sing N N 130 
DM7 C7    H7     sing N N 131 
DM7 C8    C9     sing N N 132 
DM7 C8    H81    sing N N 133 
DM7 C8    H82    sing N N 134 
DM7 C9    C10    sing N N 135 
DM7 C9    C13    sing N N 136 
DM7 C9    O9     sing N N 137 
DM7 C10   C20    sing N N 138 
DM7 C10   H101   sing N N 139 
DM7 C10   H102   sing N N 140 
DM7 C11   C18    doub Y N 141 
DM7 C11   C20    sing Y N 142 
DM7 C11   O11    sing N N 143 
DM7 C12   C15    sing N N 144 
DM7 C12   C18    sing N N 145 
DM7 C12   O12    doub N N 146 
DM7 C13   C14    sing N N 147 
DM7 C13   O13    doub N N 148 
DM7 C14   O14    sing N N 149 
DM7 C14   H141   sing N N 150 
DM7 C14   H142   sing N N 151 
DM7 C15   C16    doub Y N 152 
DM7 C17   C18    sing Y N 153 
DM7 C19   C20    doub Y N 154 
DM7 C21   O4     sing N N 155 
DM7 C21   H211   sing N N 156 
DM7 C21   H212   sing N N 157 
DM7 C21   H213   sing N N 158 
DM7 O6    HO6    sing N N 159 
DM7 O7    "C1'"  sing N N 160 
DM7 O9    HO9    sing N N 161 
DM7 O11   HO11   sing N N 162 
DM7 O14   HO14   sing N N 163 
DM7 "C1'" "C2'"  sing N N 164 
DM7 "C1'" "O5'"  sing N N 165 
DM7 "C1'" "H1'"  sing N N 166 
DM7 "C2'" "C3'"  sing N N 167 
DM7 "C2'" "H2'1" sing N N 168 
DM7 "C2'" "H2'2" sing N N 169 
DM7 "C3'" "C4'"  sing N N 170 
DM7 "C3'" "N3'"  sing N N 171 
DM7 "C3'" "H3'"  sing N N 172 
DM7 "C4'" "C5'"  sing N N 173 
DM7 "C4'" "I4'"  sing N N 174 
DM7 "C4'" "H4'"  sing N N 175 
DM7 "C5'" "C6'"  sing N N 176 
DM7 "C5'" "O5'"  sing N N 177 
DM7 "C5'" "H5'"  sing N N 178 
DM7 "C6'" "H6'1" sing N N 179 
DM7 "C6'" "H6'2" sing N N 180 
DM7 "C6'" "H6'3" sing N N 181 
DM7 "N3'" "HN'1" sing N N 182 
DM7 "N3'" "HN'2" sing N N 183 
DM7 "N3'" "HN'3" sing N N 184 
DT  OP3   P      sing N N 185 
DT  OP3   HOP3   sing N N 186 
DT  P     OP1    doub N N 187 
DT  P     OP2    sing N N 188 
DT  P     "O5'"  sing N N 189 
DT  OP2   HOP2   sing N N 190 
DT  "O5'" "C5'"  sing N N 191 
DT  "C5'" "C4'"  sing N N 192 
DT  "C5'" "H5'"  sing N N 193 
DT  "C5'" "H5''" sing N N 194 
DT  "C4'" "O4'"  sing N N 195 
DT  "C4'" "C3'"  sing N N 196 
DT  "C4'" "H4'"  sing N N 197 
DT  "O4'" "C1'"  sing N N 198 
DT  "C3'" "O3'"  sing N N 199 
DT  "C3'" "C2'"  sing N N 200 
DT  "C3'" "H3'"  sing N N 201 
DT  "O3'" "HO3'" sing N N 202 
DT  "C2'" "C1'"  sing N N 203 
DT  "C2'" "H2'"  sing N N 204 
DT  "C2'" "H2''" sing N N 205 
DT  "C1'" N1     sing N N 206 
DT  "C1'" "H1'"  sing N N 207 
DT  N1    C2     sing N N 208 
DT  N1    C6     sing N N 209 
DT  C2    O2     doub N N 210 
DT  C2    N3     sing N N 211 
DT  N3    C4     sing N N 212 
DT  N3    H3     sing N N 213 
DT  C4    O4     doub N N 214 
DT  C4    C5     sing N N 215 
DT  C5    C7     sing N N 216 
DT  C5    C6     doub N N 217 
DT  C7    H71    sing N N 218 
DT  C7    H72    sing N N 219 
DT  C7    H73    sing N N 220 
DT  C6    H6     sing N N 221 
HOH O     H1     sing N N 222 
HOH O     H2     sing N N 223 
# 
_ndb_struct_conf_na.entry_id   1IMR 
_ndb_struct_conf_na.feature    'b-form double helix' 
# 
loop_
_ndb_struct_na_base_pair.model_number 
_ndb_struct_na_base_pair.i_label_asym_id 
_ndb_struct_na_base_pair.i_label_comp_id 
_ndb_struct_na_base_pair.i_label_seq_id 
_ndb_struct_na_base_pair.i_symmetry 
_ndb_struct_na_base_pair.j_label_asym_id 
_ndb_struct_na_base_pair.j_label_comp_id 
_ndb_struct_na_base_pair.j_label_seq_id 
_ndb_struct_na_base_pair.j_symmetry 
_ndb_struct_na_base_pair.shear 
_ndb_struct_na_base_pair.stretch 
_ndb_struct_na_base_pair.stagger 
_ndb_struct_na_base_pair.buckle 
_ndb_struct_na_base_pair.propeller 
_ndb_struct_na_base_pair.opening 
_ndb_struct_na_base_pair.pair_number 
_ndb_struct_na_base_pair.pair_name 
_ndb_struct_na_base_pair.i_auth_asym_id 
_ndb_struct_na_base_pair.i_auth_seq_id 
_ndb_struct_na_base_pair.i_PDB_ins_code 
_ndb_struct_na_base_pair.j_auth_asym_id 
_ndb_struct_na_base_pair.j_auth_seq_id 
_ndb_struct_na_base_pair.j_PDB_ins_code 
_ndb_struct_na_base_pair.hbond_type_28 
_ndb_struct_na_base_pair.hbond_type_12 
1 A DT 1 1_555 A DA 6 8_665 -0.164 -0.115 0.198  7.714   0.863  -0.152 1 A_DT1:DA6_A A 1 ? A 6 ? 20 1 
1 A DG 2 1_555 A DC 5 8_665 -0.025 -0.051 -0.351 -16.634 4.470  0.585  2 A_DG2:DC5_A A 2 ? A 5 ? 19 1 
1 A DT 3 1_555 A DA 4 8_665 -0.039 -0.160 0.113  -1.397  -5.097 2.962  3 A_DT3:DA4_A A 3 ? A 4 ? 20 1 
1 A DA 4 1_555 A DT 3 8_665 0.039  -0.160 0.113  1.397   -5.097 2.962  4 A_DA4:DT3_A A 4 ? A 3 ? 20 1 
1 A DC 5 1_555 A DG 2 8_665 0.025  -0.051 -0.351 16.634  4.470  0.585  5 A_DC5:DG2_A A 5 ? A 2 ? 19 1 
1 A DA 6 1_555 A DT 1 8_665 0.164  -0.115 0.198  -7.714  0.863  -0.152 6 A_DA6:DT1_A A 6 ? A 1 ? 20 1 
# 
loop_
_ndb_struct_na_base_pair_step.model_number 
_ndb_struct_na_base_pair_step.i_label_asym_id_1 
_ndb_struct_na_base_pair_step.i_label_comp_id_1 
_ndb_struct_na_base_pair_step.i_label_seq_id_1 
_ndb_struct_na_base_pair_step.i_symmetry_1 
_ndb_struct_na_base_pair_step.j_label_asym_id_1 
_ndb_struct_na_base_pair_step.j_label_comp_id_1 
_ndb_struct_na_base_pair_step.j_label_seq_id_1 
_ndb_struct_na_base_pair_step.j_symmetry_1 
_ndb_struct_na_base_pair_step.i_label_asym_id_2 
_ndb_struct_na_base_pair_step.i_label_comp_id_2 
_ndb_struct_na_base_pair_step.i_label_seq_id_2 
_ndb_struct_na_base_pair_step.i_symmetry_2 
_ndb_struct_na_base_pair_step.j_label_asym_id_2 
_ndb_struct_na_base_pair_step.j_label_comp_id_2 
_ndb_struct_na_base_pair_step.j_label_seq_id_2 
_ndb_struct_na_base_pair_step.j_symmetry_2 
_ndb_struct_na_base_pair_step.shift 
_ndb_struct_na_base_pair_step.slide 
_ndb_struct_na_base_pair_step.rise 
_ndb_struct_na_base_pair_step.tilt 
_ndb_struct_na_base_pair_step.roll 
_ndb_struct_na_base_pair_step.twist 
_ndb_struct_na_base_pair_step.x_displacement 
_ndb_struct_na_base_pair_step.y_displacement 
_ndb_struct_na_base_pair_step.helical_rise 
_ndb_struct_na_base_pair_step.inclination 
_ndb_struct_na_base_pair_step.tip 
_ndb_struct_na_base_pair_step.helical_twist 
_ndb_struct_na_base_pair_step.step_number 
_ndb_struct_na_base_pair_step.step_name 
_ndb_struct_na_base_pair_step.i_auth_asym_id_1 
_ndb_struct_na_base_pair_step.i_auth_seq_id_1 
_ndb_struct_na_base_pair_step.i_PDB_ins_code_1 
_ndb_struct_na_base_pair_step.j_auth_asym_id_1 
_ndb_struct_na_base_pair_step.j_auth_seq_id_1 
_ndb_struct_na_base_pair_step.j_PDB_ins_code_1 
_ndb_struct_na_base_pair_step.i_auth_asym_id_2 
_ndb_struct_na_base_pair_step.i_auth_seq_id_2 
_ndb_struct_na_base_pair_step.i_PDB_ins_code_2 
_ndb_struct_na_base_pair_step.j_auth_asym_id_2 
_ndb_struct_na_base_pair_step.j_auth_seq_id_2 
_ndb_struct_na_base_pair_step.j_PDB_ins_code_2 
1 A DT 1 1_555 A DA 6 8_665 A DG 2 1_555 A DC 5 8_665 1.239  1.181  7.017 3.547  -5.083 36.979 3.264  -0.934 6.885 -7.945 -5.545 
37.477 1 AA_DT1DG2:DC5DA6_AA A 1 ? A 6 ? A 2 ? A 5 ? 
1 A DG 2 1_555 A DC 5 8_665 A DT 3 1_555 A DA 4 8_665 -1.119 0.089  3.034 -3.283 0.431  28.682 0.088  1.553  3.141 0.866  6.599  
28.868 2 AA_DG2DT3:DA4DC5_AA A 2 ? A 5 ? A 3 ? A 4 ? 
1 A DT 3 1_555 A DA 4 8_665 A DA 4 1_555 A DT 3 8_665 0.000  -0.086 3.372 0.000  4.423  37.936 -0.706 0.000  3.341 6.775  0.000  
38.184 3 AA_DT3DA4:DT3DA4_AA A 3 ? A 4 ? A 4 ? A 3 ? 
1 A DA 4 1_555 A DT 3 8_665 A DC 5 1_555 A DG 2 8_665 1.119  0.089  3.034 3.283  0.431  28.682 0.088  -1.553 3.141 0.866  -6.599 
28.868 4 AA_DA4DC5:DG2DT3_AA A 4 ? A 3 ? A 5 ? A 2 ? 
1 A DC 5 1_555 A DG 2 8_665 A DA 6 1_555 A DT 1 8_665 -1.239 1.181  7.017 -3.547 -5.083 36.979 3.264  0.934  6.885 -7.945 5.545  
37.477 5 AA_DC5DA6:DT1DG2_AA A 5 ? A 2 ? A 6 ? A 1 ? 
# 
_atom_sites.entry_id                    1IMR 
_atom_sites.fract_transf_matrix[1][1]   0.00757954 
_atom_sites.fract_transf_matrix[1][2]   -0.03438795 
_atom_sites.fract_transf_matrix[1][3]   -0.00625740 
_atom_sites.fract_transf_matrix[2][1]   0.03493796 
_atom_sites.fract_transf_matrix[2][2]   0.00726848 
_atom_sites.fract_transf_matrix[2][3]   0.00237563 
_atom_sites.fract_transf_matrix[3][1]   -0.00053850 
_atom_sites.fract_transf_matrix[3][2]   -0.00351888 
_atom_sites.fract_transf_matrix[3][3]   0.01868593 
_atom_sites.fract_transf_vector[1]      0.570543 
_atom_sites.fract_transf_vector[2]      0.533072 
_atom_sites.fract_transf_vector[3]      0.221815 
# 
loop_
_atom_type.symbol 
C 
H 
I 
N 
O 
P 
# 
loop_
_atom_site.group_PDB 
_atom_site.id 
_atom_site.type_symbol 
_atom_site.label_atom_id 
_atom_site.label_alt_id 
_atom_site.label_comp_id 
_atom_site.label_asym_id 
_atom_site.label_entity_id 
_atom_site.label_seq_id 
_atom_site.pdbx_PDB_ins_code 
_atom_site.Cartn_x 
_atom_site.Cartn_y 
_atom_site.Cartn_z 
_atom_site.occupancy 
_atom_site.B_iso_or_equiv 
_atom_site.pdbx_formal_charge 
_atom_site.auth_seq_id 
_atom_site.auth_comp_id 
_atom_site.auth_asym_id 
_atom_site.auth_atom_id 
_atom_site.pdbx_PDB_model_num 
ATOM   1   O "O5'"  . DT  A 1 1 ? 3.453   5.405  12.262  1.00 12.71 ? 1  DT  A "O5'"  1 
ATOM   2   C "C5'"  . DT  A 1 1 ? 4.409   5.087  13.261  1.00 10.98 ? 1  DT  A "C5'"  1 
ATOM   3   C "C4'"  . DT  A 1 1 ? 4.609   3.566  13.470  1.00 11.36 ? 1  DT  A "C4'"  1 
ATOM   4   O "O4'"  . DT  A 1 1 ? 3.507   2.964  14.169  1.00 11.17 ? 1  DT  A "O4'"  1 
ATOM   5   C "C3'"  . DT  A 1 1 ? 4.735   2.839  12.081  1.00 12.78 ? 1  DT  A "C3'"  1 
ATOM   6   O "O3'"  . DT  A 1 1 ? 5.717   1.826  12.194  1.00 13.41 ? 1  DT  A "O3'"  1 
ATOM   7   C "C2'"  . DT  A 1 1 ? 3.358   2.156  11.965  1.00 10.63 ? 1  DT  A "C2'"  1 
ATOM   8   C "C1'"  . DT  A 1 1 ? 2.909   1.903  13.416  1.00 10.14 ? 1  DT  A "C1'"  1 
ATOM   9   N N1     . DT  A 1 1 ? 1.433   1.956  13.455  1.00 9.76  ? 1  DT  A N1     1 
ATOM   10  C C2     . DT  A 1 1 ? 0.712   0.763  13.282  1.00 8.62  ? 1  DT  A C2     1 
ATOM   11  O O2     . DT  A 1 1 ? 1.210   -0.357 13.113  1.00 8.23  ? 1  DT  A O2     1 
ATOM   12  N N3     . DT  A 1 1 ? -0.660  0.919  13.318  1.00 8.68  ? 1  DT  A N3     1 
ATOM   13  C C4     . DT  A 1 1 ? -1.368  2.090  13.500  1.00 6.43  ? 1  DT  A C4     1 
ATOM   14  O O4     . DT  A 1 1 ? -2.600  2.088  13.505  1.00 7.33  ? 1  DT  A O4     1 
ATOM   15  C C5     . DT  A 1 1 ? -0.543  3.256  13.672  1.00 6.83  ? 1  DT  A C5     1 
ATOM   16  C C7     . DT  A 1 1 ? -1.229  4.635  13.889  1.00 8.28  ? 1  DT  A C7     1 
ATOM   17  C C6     . DT  A 1 1 ? 0.792   3.165  13.646  1.00 8.63  ? 1  DT  A C6     1 
ATOM   18  H H3     . DT  A 1 1 ? -1.201  0.077  13.202  1.00 10.00 ? 1  DT  A H3     1 
ATOM   19  H "HO5'" . DT  A 1 1 ? 3.842   5.186  11.411  1.00 10.00 ? 1  DT  A "HO5'" 1 
ATOM   20  P P      . DG  A 1 2 ? 6.976   1.693  11.214  1.00 15.68 ? 2  DG  A P      1 
ATOM   21  O OP1    . DG  A 1 2 ? 7.910   0.709  11.808  1.00 15.03 ? 2  DG  A OP1    1 
ATOM   22  O OP2    . DG  A 1 2 ? 7.447   3.017  10.772  1.00 15.49 ? 2  DG  A OP2    1 
ATOM   23  O "O5'"  . DG  A 1 2 ? 6.286   1.022  9.978   1.00 14.66 ? 2  DG  A "O5'"  1 
ATOM   24  C "C5'"  . DG  A 1 2 ? 5.987   -0.362 9.908   1.00 16.64 ? 2  DG  A "C5'"  1 
ATOM   25  C "C4'"  . DG  A 1 2 ? 5.244   -0.633 8.599   1.00 15.04 ? 2  DG  A "C4'"  1 
ATOM   26  O "O4'"  . DG  A 1 2 ? 3.967   -0.005 8.615   1.00 15.23 ? 2  DG  A "O4'"  1 
ATOM   27  C "C3'"  . DG  A 1 2 ? 6.040   -0.018 7.395   1.00 17.10 ? 2  DG  A "C3'"  1 
ATOM   28  O "O3'"  . DG  A 1 2 ? 5.854   -0.863 6.272   1.00 17.06 ? 2  DG  A "O3'"  1 
ATOM   29  C "C2'"  . DG  A 1 2 ? 5.249   1.261  7.153   1.00 15.70 ? 2  DG  A "C2'"  1 
ATOM   30  C "C1'"  . DG  A 1 2 ? 3.847   0.682  7.387   1.00 13.91 ? 2  DG  A "C1'"  1 
ATOM   31  N N9     . DG  A 1 2 ? 2.807   1.726  7.430   1.00 12.37 ? 2  DG  A N9     1 
ATOM   32  C C8     . DG  A 1 2 ? 2.879   3.079  7.674   1.00 11.49 ? 2  DG  A C8     1 
ATOM   33  N N7     . DG  A 1 2 ? 1.720   3.667  7.577   1.00 12.24 ? 2  DG  A N7     1 
ATOM   34  C C5     . DG  A 1 2 ? 0.833   2.643  7.253   1.00 9.56  ? 2  DG  A C5     1 
ATOM   35  C C6     . DG  A 1 2 ? -0.565  2.671  7.017   1.00 8.52  ? 2  DG  A C6     1 
ATOM   36  O O6     . DG  A 1 2 ? -1.327  3.634  7.045   1.00 10.11 ? 2  DG  A O6     1 
ATOM   37  N N1     . DG  A 1 2 ? -1.080  1.419  6.721   1.00 5.19  ? 2  DG  A N1     1 
ATOM   38  C C2     . DG  A 1 2 ? -0.342  0.257  6.657   1.00 7.51  ? 2  DG  A C2     1 
ATOM   39  N N2     . DG  A 1 2 ? -1.016  -0.846 6.361   1.00 5.45  ? 2  DG  A N2     1 
ATOM   40  N N3     . DG  A 1 2 ? 0.980   0.220  6.874   1.00 8.27  ? 2  DG  A N3     1 
ATOM   41  C C4     . DG  A 1 2 ? 1.494   1.447  7.164   1.00 10.61 ? 2  DG  A C4     1 
ATOM   42  H H1     . DG  A 1 2 ? -2.076  1.385  6.555   1.00 10.00 ? 2  DG  A H1     1 
ATOM   43  H H21    . DG  A 1 2 ? -0.580  -1.756 6.316   1.00 10.00 ? 2  DG  A H21    1 
ATOM   44  H H22    . DG  A 1 2 ? -2.003  -0.749 6.177   1.00 10.00 ? 2  DG  A H22    1 
ATOM   45  P P      . DT  A 1 3 ? 7.051   -1.251 5.300   1.00 17.09 ? 3  DT  A P      1 
ATOM   46  O OP1    . DT  A 1 3 ? 8.120   -1.841 6.130   1.00 17.49 ? 3  DT  A OP1    1 
ATOM   47  O OP2    . DT  A 1 3 ? 7.333   -0.102 4.414   1.00 17.03 ? 3  DT  A OP2    1 
ATOM   48  O "O5'"  . DT  A 1 3 ? 6.343   -2.386 4.449   1.00 17.34 ? 3  DT  A "O5'"  1 
ATOM   49  C "C5'"  . DT  A 1 3 ? 5.883   -3.554 5.084   1.00 14.19 ? 3  DT  A "C5'"  1 
ATOM   50  C "C4'"  . DT  A 1 3 ? 4.556   -3.988 4.498   1.00 14.43 ? 3  DT  A "C4'"  1 
ATOM   51  O "O4'"  . DT  A 1 3 ? 3.542   -2.986 4.754   1.00 13.17 ? 3  DT  A "O4'"  1 
ATOM   52  C "C3'"  . DT  A 1 3 ? 4.699   -4.178 2.948   1.00 14.48 ? 3  DT  A "C3'"  1 
ATOM   53  O "O3'"  . DT  A 1 3 ? 4.125   -5.459 2.669   1.00 13.67 ? 3  DT  A "O3'"  1 
ATOM   54  C "C2'"  . DT  A 1 3 ? 3.840   -2.989 2.423   1.00 14.07 ? 3  DT  A "C2'"  1 
ATOM   55  C "C1'"  . DT  A 1 3 ? 2.813   -2.725 3.549   1.00 11.21 ? 3  DT  A "C1'"  1 
ATOM   56  N N1     . DT  A 1 3 ? 2.351   -1.327 3.574   1.00 10.61 ? 3  DT  A N1     1 
ATOM   57  C C2     . DT  A 1 3 ? 0.987   -1.106 3.455   1.00 9.60  ? 3  DT  A C2     1 
ATOM   58  O O2     . DT  A 1 3 ? 0.160   -2.011 3.327   1.00 7.65  ? 3  DT  A O2     1 
ATOM   59  N N3     . DT  A 1 3 ? 0.597   0.220  3.488   1.00 8.16  ? 3  DT  A N3     1 
ATOM   60  C C4     . DT  A 1 3 ? 1.420   1.309  3.624   1.00 8.57  ? 3  DT  A C4     1 
ATOM   61  O O4     . DT  A 1 3 ? 0.936   2.426  3.649   1.00 10.47 ? 3  DT  A O4     1 
ATOM   62  C C5     . DT  A 1 3 ? 2.810   0.993  3.735   1.00 9.04  ? 3  DT  A C5     1 
ATOM   63  C C7     . DT  A 1 3 ? 3.857   2.128  3.867   1.00 9.37  ? 3  DT  A C7     1 
ATOM   64  C C6     . DT  A 1 3 ? 3.227   -0.282 3.710   1.00 10.26 ? 3  DT  A C6     1 
ATOM   65  H H3     . DT  A 1 3 ? -0.397  0.389  3.396   1.00 10.00 ? 3  DT  A H3     1 
ATOM   66  P P      . DA  A 1 4 ? 4.140   -6.121 1.221   1.00 12.88 ? 4  DA  A P      1 
ATOM   67  O OP1    . DA  A 1 4 ? 4.261   -7.577 1.420   1.00 13.84 ? 4  DA  A OP1    1 
ATOM   68  O OP2    . DA  A 1 4 ? 5.068   -5.377 0.350   1.00 13.34 ? 4  DA  A OP2    1 
ATOM   69  O "O5'"  . DA  A 1 4 ? 2.674   -5.814 0.648   1.00 13.38 ? 4  DA  A "O5'"  1 
ATOM   70  C "C5'"  . DA  A 1 4 ? 1.517   -6.410 1.195   1.00 13.14 ? 4  DA  A "C5'"  1 
ATOM   71  C "C4'"  . DA  A 1 4 ? 0.256   -5.974 0.429   1.00 13.05 ? 4  DA  A "C4'"  1 
ATOM   72  O "O4'"  . DA  A 1 4 ? -0.006  -4.585 0.601   1.00 12.24 ? 4  DA  A "O4'"  1 
ATOM   73  C "C3'"  . DA  A 1 4 ? 0.473   -6.203 -1.065  1.00 13.71 ? 4  DA  A "C3'"  1 
ATOM   74  O "O3'"  . DA  A 1 4 ? -0.714  -6.817 -1.566  1.00 13.22 ? 4  DA  A "O3'"  1 
ATOM   75  C "C2'"  . DA  A 1 4 ? 0.667   -4.757 -1.627  1.00 12.20 ? 4  DA  A "C2'"  1 
ATOM   76  C "C1'"  . DA  A 1 4 ? -0.152  -3.936 -0.665  1.00 10.11 ? 4  DA  A "C1'"  1 
ATOM   77  N N9     . DA  A 1 4 ? 0.368   -2.610 -0.461  1.00 8.60  ? 4  DA  A N9     1 
ATOM   78  C C8     . DA  A 1 4 ? 1.656   -2.190 -0.285  1.00 8.12  ? 4  DA  A C8     1 
ATOM   79  N N7     . DA  A 1 4 ? 1.752   -0.905 -0.081  1.00 6.89  ? 4  DA  A N7     1 
ATOM   80  C C5     . DA  A 1 4 ? 0.436   -0.458 -0.132  1.00 6.40  ? 4  DA  A C5     1 
ATOM   81  C C6     . DA  A 1 4 ? -0.142  0.819  -0.006  1.00 6.61  ? 4  DA  A C6     1 
ATOM   82  N N6     . DA  A 1 4 ? 0.565   1.937  0.217   1.00 5.57  ? 4  DA  A N6     1 
ATOM   83  N N1     . DA  A 1 4 ? -1.467  0.877  -0.125  1.00 6.61  ? 4  DA  A N1     1 
ATOM   84  C C2     . DA  A 1 4 ? -2.151  -0.220 -0.349  1.00 6.07  ? 4  DA  A C2     1 
ATOM   85  N N3     . DA  A 1 4 ? -1.739  -1.461 -0.488  1.00 8.02  ? 4  DA  A N3     1 
ATOM   86  C C4     . DA  A 1 4 ? -0.402  -1.494 -0.364  1.00 5.57  ? 4  DA  A C4     1 
ATOM   87  H H61    . DA  A 1 4 ? 1.572   1.896  0.312   1.00 10.00 ? 4  DA  A H61    1 
ATOM   88  H H62    . DA  A 1 4 ? 0.079   2.821  0.286   1.00 10.00 ? 4  DA  A H62    1 
ATOM   89  P P      . DC  A 1 5 ? -0.742  -7.401 -3.044  1.00 12.47 ? 5  DC  A P      1 
ATOM   90  O OP1    . DC  A 1 5 ? -1.804  -8.435 -3.106  1.00 12.58 ? 5  DC  A OP1    1 
ATOM   91  O OP2    . DC  A 1 5 ? 0.621   -7.728 -3.492  1.00 10.64 ? 5  DC  A OP2    1 
ATOM   92  O "O5'"  . DC  A 1 5 ? -1.207  -6.158 -3.912  1.00 11.81 ? 5  DC  A "O5'"  1 
ATOM   93  C "C5'"  . DC  A 1 5 ? -2.549  -5.707 -3.832  1.00 12.56 ? 5  DC  A "C5'"  1 
ATOM   94  C "C4'"  . DC  A 1 5 ? -2.686  -4.371 -4.557  1.00 13.12 ? 5  DC  A "C4'"  1 
ATOM   95  O "O4'"  . DC  A 1 5 ? -1.946  -3.351 -3.815  1.00 12.98 ? 5  DC  A "O4'"  1 
ATOM   96  C "C3'"  . DC  A 1 5 ? -2.086  -4.492 -5.997  1.00 13.44 ? 5  DC  A "C3'"  1 
ATOM   97  O "O3'"  . DC  A 1 5 ? -2.899  -3.801 -6.918  1.00 13.65 ? 5  DC  A "O3'"  1 
ATOM   98  C "C2'"  . DC  A 1 5 ? -0.797  -3.700 -5.837  1.00 12.57 ? 5  DC  A "C2'"  1 
ATOM   99  C "C1'"  . DC  A 1 5 ? -1.295  -2.648 -4.843  1.00 11.05 ? 5  DC  A "C1'"  1 
ATOM   100 N N1     . DC  A 1 5 ? -0.236  -1.798 -4.261  1.00 10.92 ? 5  DC  A N1     1 
ATOM   101 C C2     . DC  A 1 5 ? -0.672  -0.562 -3.823  1.00 8.22  ? 5  DC  A C2     1 
ATOM   102 O O2     . DC  A 1 5 ? -1.853  -0.226 -3.822  1.00 9.87  ? 5  DC  A O2     1 
ATOM   103 N N3     . DC  A 1 5 ? 0.235   0.298  -3.371  1.00 8.07  ? 5  DC  A N3     1 
ATOM   104 C C4     . DC  A 1 5 ? 1.533   0.002  -3.312  1.00 8.31  ? 5  DC  A C4     1 
ATOM   105 N N4     . DC  A 1 5 ? 2.308   0.984  -2.876  1.00 8.80  ? 5  DC  A N4     1 
ATOM   106 C C5     . DC  A 1 5 ? 2.031   -1.274 -3.723  1.00 9.83  ? 5  DC  A C5     1 
ATOM   107 C C6     . DC  A 1 5 ? 1.106   -2.144 -4.194  1.00 9.83  ? 5  DC  A C6     1 
ATOM   108 H H41    . DC  A 1 5 ? 3.315   0.942  -2.807  1.00 10.00 ? 5  DC  A H41    1 
ATOM   109 H H42    . DC  A 1 5 ? 1.799   1.818  -2.611  1.00 10.00 ? 5  DC  A H42    1 
ATOM   110 P P      . DA  A 1 6 ? -3.815  -4.639 -7.931  1.00 14.78 ? 6  DA  A P      1 
ATOM   111 O OP1    . DA  A 1 6 ? -4.704  -5.532 -7.148  1.00 14.22 ? 6  DA  A OP1    1 
ATOM   112 O OP2    . DA  A 1 6 ? -2.953  -5.186 -8.990  1.00 14.53 ? 6  DA  A OP2    1 
ATOM   113 O "O5'"  . DA  A 1 6 ? -4.659  -3.461 -8.558  1.00 12.06 ? 6  DA  A "O5'"  1 
ATOM   114 C "C5'"  . DA  A 1 6 ? -5.780  -2.910 -7.870  1.00 11.95 ? 6  DA  A "C5'"  1 
ATOM   115 C "C4'"  . DA  A 1 6 ? -6.491  -1.820 -8.710  1.00 10.86 ? 6  DA  A "C4'"  1 
ATOM   116 O "O4'"  . DA  A 1 6 ? -5.611  -0.676 -8.871  1.00 9.90  ? 6  DA  A "O4'"  1 
ATOM   117 C "C3'"  . DA  A 1 6 ? -6.886  -2.371 -10.130 1.00 9.60  ? 6  DA  A "C3'"  1 
ATOM   118 O "O3'"  . DA  A 1 6 ? -8.024  -1.670 -10.621 1.00 11.80 ? 6  DA  A "O3'"  1 
ATOM   119 C "C2'"  . DA  A 1 6 ? -5.656  -1.939 -10.943 1.00 9.35  ? 6  DA  A "C2'"  1 
ATOM   120 C "C1'"  . DA  A 1 6 ? -5.238  -0.590 -10.264 1.00 8.57  ? 6  DA  A "C1'"  1 
ATOM   121 N N9     . DA  A 1 6 ? -3.798  -0.396 -10.285 1.00 6.84  ? 6  DA  A N9     1 
ATOM   122 C C8     . DA  A 1 6 ? -2.817  -1.337 -10.398 1.00 6.15  ? 6  DA  A C8     1 
ATOM   123 N N7     . DA  A 1 6 ? -1.618  -0.836 -10.345 1.00 5.48  ? 6  DA  A N7     1 
ATOM   124 C C5     . DA  A 1 6 ? -1.820  0.526  -10.189 1.00 5.37  ? 6  DA  A C5     1 
ATOM   125 C C6     . DA  A 1 6 ? -0.924  1.590  -10.077 1.00 4.94  ? 6  DA  A C6     1 
ATOM   126 N N6     . DA  A 1 6 ? 0.388   1.443  -10.085 1.00 5.86  ? 6  DA  A N6     1 
ATOM   127 N N1     . DA  A 1 6 ? -1.456  2.792  -9.952  1.00 5.00  ? 6  DA  A N1     1 
ATOM   128 C C2     . DA  A 1 6 ? -2.779  2.946  -9.934  1.00 4.96  ? 6  DA  A C2     1 
ATOM   129 N N3     . DA  A 1 6 ? -3.723  2.026  -10.026 1.00 5.98  ? 6  DA  A N3     1 
ATOM   130 C C4     . DA  A 1 6 ? -3.145  0.816  -10.152 1.00 4.52  ? 6  DA  A C4     1 
ATOM   131 H "HO3'" . DA  A 1 6 ? -7.851  -0.723 -10.568 1.00 10.00 ? 6  DA  A "HO3'" 1 
ATOM   132 H H61    . DA  A 1 6 ? 0.799   0.528  -10.201 1.00 10.00 ? 6  DA  A H61    1 
ATOM   133 H H62    . DA  A 1 6 ? 0.979   2.254  -9.983  1.00 10.00 ? 6  DA  A H62    1 
HETATM 134 C C1     . DM7 B 2 . ? 3.388   2.567  -6.225  1.00 14.87 ? 7  DM7 A C1     1 
HETATM 135 C C2     . DM7 B 2 . ? 4.395   1.602  -6.354  1.00 14.28 ? 7  DM7 A C2     1 
HETATM 136 C C3     . DM7 B 2 . ? 3.982   0.280  -6.625  1.00 14.61 ? 7  DM7 A C3     1 
HETATM 137 C C4     . DM7 B 2 . ? 2.651   -0.088 -6.778  1.00 12.52 ? 7  DM7 A C4     1 
HETATM 138 C C5     . DM7 B 2 . ? 0.265   0.674  -6.760  1.00 10.18 ? 7  DM7 A C5     1 
HETATM 139 C C6     . DM7 B 2 . ? -2.076  1.424  -6.728  1.00 10.35 ? 7  DM7 A C6     1 
HETATM 140 C C7     . DM7 B 2 . ? -4.442  2.143  -6.670  1.00 10.37 ? 7  DM7 A C7     1 
HETATM 141 C C8     . DM7 B 2 . ? -5.444  3.223  -6.717  1.00 12.40 ? 7  DM7 A C8     1 
HETATM 142 C C9     . DM7 B 2 . ? -5.034  4.284  -5.629  1.00 12.82 ? 7  DM7 A C9     1 
HETATM 143 C C10    . DM7 B 2 . ? -3.635  4.815  -6.130  1.00 12.63 ? 7  DM7 A C10    1 
HETATM 144 C C11    . DM7 B 2 . ? -1.256  3.999  -6.185  1.00 10.18 ? 7  DM7 A C11    1 
HETATM 145 C C12    . DM7 B 2 . ? 1.082   3.225  -6.219  1.00 10.61 ? 7  DM7 A C12    1 
HETATM 146 C C13    . DM7 B 2 . ? -6.088  5.422  -5.746  1.00 13.47 ? 7  DM7 A C13    1 
HETATM 147 C C14    . DM7 B 2 . ? -7.308  5.442  -4.943  1.00 14.82 ? 7  DM7 A C14    1 
HETATM 148 C C15    . DM7 B 2 . ? 2.022   2.205  -6.370  1.00 12.32 ? 7  DM7 A C15    1 
HETATM 149 C C16    . DM7 B 2 . ? 1.634   0.898  -6.647  1.00 11.91 ? 7  DM7 A C16    1 
HETATM 150 C C17    . DM7 B 2 . ? -0.704  1.677  -6.613  1.00 9.33  ? 7  DM7 A C17    1 
HETATM 151 C C18    . DM7 B 2 . ? -0.301  2.984  -6.336  1.00 9.68  ? 7  DM7 A C18    1 
HETATM 152 C C19    . DM7 B 2 . ? -3.017  2.475  -6.559  1.00 10.20 ? 7  DM7 A C19    1 
HETATM 153 C C20    . DM7 B 2 . ? -2.619  3.771  -6.285  1.00 10.69 ? 7  DM7 A C20    1 
HETATM 154 C C21    . DM7 B 2 . ? 3.282   -2.499 -7.189  1.00 13.66 ? 7  DM7 A C21    1 
HETATM 155 O O4     . DM7 B 2 . ? 2.325   -1.420 -7.050  1.00 12.75 ? 7  DM7 A O4     1 
HETATM 156 O O5     . DM7 B 2 . ? -0.192  -0.592 -7.050  1.00 8.26  ? 7  DM7 A O5     1 
HETATM 157 O O6     . DM7 B 2 . ? -2.593  0.145  -7.002  1.00 10.42 ? 7  DM7 A O6     1 
HETATM 158 O O7     . DM7 B 2 . ? -4.684  1.329  -5.596  1.00 11.88 ? 7  DM7 A O7     1 
HETATM 159 O O9     . DM7 B 2 . ? -4.901  4.075  -4.135  1.00 13.78 ? 7  DM7 A O9     1 
HETATM 160 O O11    . DM7 B 2 . ? -0.869  5.305  -5.897  1.00 9.19  ? 7  DM7 A O11    1 
HETATM 161 O O12    . DM7 B 2 . ? 1.538   4.463  -5.971  1.00 11.91 ? 7  DM7 A O12    1 
HETATM 162 O O13    . DM7 B 2 . ? -5.873  6.379  -6.770  1.00 14.94 ? 7  DM7 A O13    1 
HETATM 163 O O14    . DM7 B 2 . ? -7.819  6.766  -4.842  1.00 13.91 ? 7  DM7 A O14    1 
HETATM 164 C "C1'"  . DM7 B 2 . ? -5.606  0.297  -5.385  1.00 12.86 ? 7  DM7 A "C1'"  1 
HETATM 165 C "C2'"  . DM7 B 2 . ? -5.027  -0.906 -4.574  1.00 13.20 ? 7  DM7 A "C2'"  1 
HETATM 166 C "C3'"  . DM7 B 2 . ? -4.941  -0.519 -3.107  1.00 12.80 ? 7  DM7 A "C3'"  1 
HETATM 167 C "C4'"  . DM7 B 2 . ? -6.348  -0.021 -2.615  1.00 12.82 ? 7  DM7 A "C4'"  1 
HETATM 168 C "C5'"  . DM7 B 2 . ? -6.745  1.205  -3.515  1.00 12.82 ? 7  DM7 A "C5'"  1 
HETATM 169 C "C6'"  . DM7 B 2 . ? -8.101  1.904  -3.139  1.00 11.61 ? 7  DM7 A "C6'"  1 
HETATM 170 O "O5'"  . DM7 B 2 . ? -6.846  0.772  -4.879  1.00 13.70 ? 7  DM7 A "O5'"  1 
HETATM 171 N "N3'"  . DM7 B 2 . ? -4.588  -1.756 -2.388  1.00 14.34 ? 7  DM7 A "N3'"  1 
HETATM 172 I "I4'"  . DM7 B 2 . ? -7.885  -1.542 -2.507  1.00 14.63 ? 7  DM7 A "I4'"  1 
HETATM 173 O O      . HOH C 3 . ? -8.866  -0.824 -6.057  1.00 28.43 ? 8  HOH A O      1 
HETATM 174 O O      . HOH C 3 . ? -9.938  6.606  -6.790  1.00 37.88 ? 9  HOH A O      1 
HETATM 175 O O      . HOH C 3 . ? 6.380   -0.357 1.805   1.00 24.32 ? 10 HOH A O      1 
HETATM 176 O O      . HOH C 3 . ? 10.299  -3.079 4.897   1.00 29.56 ? 11 HOH A O      1 
HETATM 177 O O      . HOH C 3 . ? 7.042   6.907  10.527  1.00 32.64 ? 12 HOH A O      1 
HETATM 178 O O      . HOH C 3 . ? 3.298   -9.841 -0.024  1.00 29.81 ? 13 HOH A O      1 
HETATM 179 O O      . HOH C 3 . ? 5.077   -3.290 -1.246  1.00 23.78 ? 14 HOH A O      1 
HETATM 180 O O      . HOH C 3 . ? 2.018   -5.470 -4.943  1.00 19.77 ? 15 HOH A O      1 
HETATM 181 O O      . HOH C 3 . ? -9.748  -4.415 0.044   1.00 40.47 ? 16 HOH A O      1 
HETATM 182 O O      . HOH C 3 . ? -4.584  3.831  14.049  1.00 17.29 ? 17 HOH A O      1 
HETATM 183 O O      . HOH C 3 . ? -6.470  2.916  -10.109 1.00 17.03 ? 18 HOH A O      1 
HETATM 184 O O      . HOH C 3 . ? -4.557  6.816  13.350  1.00 26.28 ? 19 HOH A O      1 
HETATM 185 O O      . HOH C 3 . ? 4.008   6.533  5.257   1.00 36.38 ? 20 HOH A O      1 
HETATM 186 O O      . HOH C 3 . ? 1.417   5.183  3.940   1.00 25.53 ? 21 HOH A O      1 
HETATM 187 O O      . HOH C 3 . ? -2.356  6.438  7.202   1.00 38.14 ? 22 HOH A O      1 
HETATM 188 O O      . HOH C 3 . ? -5.359  -4.358 -2.233  1.00 17.23 ? 23 HOH A O      1 
HETATM 189 O O      . HOH C 3 . ? -6.703  -4.014 0.941   1.00 23.26 ? 24 HOH A O      1 
HETATM 190 O O      . HOH C 3 . ? -5.105  -1.863 0.554   1.00 11.06 ? 25 HOH A O      1 
HETATM 191 O O      . HOH C 3 . ? -4.781  -8.594 -3.735  1.00 29.97 ? 26 HOH A O      1 
HETATM 192 O O      . HOH C 3 . ? 1.330   -5.510 -7.958  1.00 31.80 ? 27 HOH A O      1 
HETATM 193 O O      . HOH C 3 . ? 0.543   -2.123 -9.498  1.00 18.27 ? 28 HOH A O      1 
HETATM 194 O O      . HOH C 3 . ? 3.328   7.114  -4.703  1.00 21.77 ? 29 HOH A O      1 
HETATM 195 O O      . HOH C 3 . ? -8.739  -3.670 -5.902  1.00 19.40 ? 30 HOH A O      1 
HETATM 196 O O      . HOH C 3 . ? 4.183   -5.643 -8.324  1.00 32.28 ? 31 HOH A O      1 
HETATM 197 O O      . HOH C 3 . ? 4.155   0.369  0.260   1.00 17.44 ? 32 HOH A O      1 
HETATM 198 O O      . HOH C 3 . ? 4.353   -4.623 -4.038  1.00 23.00 ? 33 HOH A O      1 
HETATM 199 O O      . HOH C 3 . ? 4.523   0.785  -13.224 1.00 30.78 ? 34 HOH A O      1 
HETATM 200 O O      . HOH C 3 . ? 6.231   4.543  8.689   1.00 17.73 ? 35 HOH A O      1 
HETATM 201 O O      . HOH C 3 . ? 8.170   1.931  1.332   1.00 38.55 ? 36 HOH A O      1 
HETATM 202 O O      . HOH C 3 . ? 7.817   3.828  4.978   1.00 41.69 ? 37 HOH A O      1 
HETATM 203 O O      . HOH C 3 . ? -0.199  -9.543 1.422   1.00 35.08 ? 38 HOH A O      1 
HETATM 204 O O      . HOH C 3 . ? 1.814   6.866  14.435  1.00 28.82 ? 39 HOH A O      1 
HETATM 205 O O      . HOH C 3 . ? 4.498   6.891  9.683   1.00 33.91 ? 40 HOH A O      1 
HETATM 206 O O      . HOH C 3 . ? -9.469  3.719  -7.311  1.00 35.12 ? 41 HOH A O      1 
HETATM 207 O O      . HOH C 3 . ? -2.664  8.100  11.495  1.00 34.64 ? 42 HOH A O      1 
HETATM 208 O O      . HOH C 3 . ? 1.020   6.584  7.799   1.00 37.83 ? 43 HOH A O      1 
HETATM 209 O O      . HOH C 3 . ? 7.548   -0.032 14.902  1.00 35.47 ? 44 HOH A O      1 
HETATM 210 O O      . HOH C 3 . ? -5.785  5.943  -9.500  1.00 28.98 ? 45 HOH A O      1 
HETATM 211 O O      . HOH C 3 . ? -3.907  -8.227 -6.673  1.00 30.41 ? 46 HOH A O      1 
HETATM 212 O O      . HOH C 3 . ? -6.808  -5.273 -5.118  1.00 32.20 ? 47 HOH A O      1 
HETATM 213 O O      . HOH C 3 . ? 5.428   0.365  -2.723  1.00 35.60 ? 48 HOH A O      1 
HETATM 214 O O      . HOH C 3 . ? -1.519  -8.056 -7.799  1.00 40.27 ? 49 HOH A O      1 
HETATM 215 O O      . HOH C 3 . ? 4.350   3.220  0.620   1.00 30.70 ? 50 HOH A O      1 
HETATM 216 O O      . HOH C 3 . ? -8.734  10.049 -4.147  1.00 33.91 ? 51 HOH A O      1 
HETATM 217 O O      . HOH C 3 . ? -11.042 -2.264 -9.152  1.00 41.45 ? 52 HOH A O      1 
HETATM 218 O O      . HOH C 3 . ? 9.982   1.490  6.733   1.00 40.02 ? 53 HOH A O      1 
HETATM 219 O O      . HOH C 3 . ? 8.256   5.337  12.227  1.00 38.22 ? 54 HOH A O      1 
HETATM 220 O O      . HOH C 3 . ? 11.412  -0.632 4.041   1.00 32.88 ? 55 HOH A O      1 
HETATM 221 O O      . HOH C 3 . ? -9.943  0.300  -9.697  1.00 44.28 ? 56 HOH A O      1 
# 
